data_9E0V
#
_entry.id   9E0V
#
_cell.length_a   47.575
_cell.length_b   47.575
_cell.length_c   194.717
_cell.angle_alpha   90.00
_cell.angle_beta   90.00
_cell.angle_gamma   90.00
#
_symmetry.space_group_name_H-M   'P 43 21 2'
#
loop_
_entity.id
_entity.type
_entity.pdbx_description
1 polymer 'Maltose/maltodextrin-binding periplasmic protein, Gasdermin-D, C-terminal chimera'
2 polymer GLY-CYS-ILE-LYS-LYS-ALA-VAL-6CW-PHE-LYS-CYS
3 water water
#
loop_
_entity_poly.entity_id
_entity_poly.type
_entity_poly.pdbx_seq_one_letter_code
_entity_poly.pdbx_strand_id
1 'polypeptide(L)'
;MAHHHHHHKTEEGKLVIWINGDKGYNGLAEVGKKFEKDTGIKVTVEHPDKLEEKFPQVAATGDGPDIIFWAHDRFGGYAQ
SGLLAEITPAAAFQDKLYPFTWDAVRYNGKLIAYPIAVEALSLIYNKDLLPNPPKTWEEIPALDKELKAKGKSALMFNLQ
EPYFTWPLIAADGGYAFKYAAGKYDIKDVGVDNAGAKAGLTFLVDLIKNKHMNADTDYSIAEHAFNHGETAMTINGPWAW
SNIDTSAVNYGVTVLPTFKGQPSKPFVGVLSAGINAASPNKELAKEFLENYLLTDEGLEAVNKDKPLGAVALKSYEEELV
KDPRVAATMENAQKGEIMPNIPQMSAFWYAVRTAVINAASGRQTVDAALAAAQTENLYFQGGVPAEGAFTEDFQGLRAEV
ETISKELELLDRELCQLLLEGLEGVLRDQLALRALEEALEQGQSLGPVEPLDGPAGAVLECLVLSSGMLVPELAIPVVYL
LGALTMLSETQHKLLAEALESQTLLGPLELVGSLLEQSAPWQERSTMSLPPGLLGNSWGEGAPAWVLLDECGLELGEDTP
HVCWEPQAQGRMCALYASLALLSGLSQEPH
;
A
2 'polypeptide(L)' GCIKKAV(6CW)FKC B
#
# COMPACT_ATOMS: atom_id res chain seq x y z
N PRO A 384 14.53 -13.41 -26.48
CA PRO A 384 15.55 -13.79 -25.50
C PRO A 384 15.06 -13.64 -24.06
N ALA A 385 13.80 -14.04 -23.81
CA ALA A 385 13.13 -13.99 -22.51
C ALA A 385 11.83 -14.82 -22.54
N GLU A 386 11.27 -15.19 -21.36
CA GLU A 386 10.02 -15.94 -21.29
C GLU A 386 8.87 -15.06 -20.78
N GLY A 387 7.69 -15.21 -21.38
CA GLY A 387 6.51 -14.46 -20.97
C GLY A 387 6.50 -13.03 -21.49
N ALA A 388 5.52 -12.25 -21.05
CA ALA A 388 5.36 -10.87 -21.50
C ALA A 388 6.11 -9.86 -20.59
N PHE A 389 6.36 -8.64 -21.07
CA PHE A 389 6.97 -7.62 -20.21
C PHE A 389 6.03 -7.27 -19.04
N THR A 390 4.73 -7.16 -19.34
CA THR A 390 3.75 -6.67 -18.38
C THR A 390 2.80 -7.77 -17.91
N GLU A 391 2.44 -7.75 -16.62
CA GLU A 391 1.45 -8.69 -16.09
C GLU A 391 0.06 -8.13 -16.41
N ASP A 392 -0.98 -8.89 -16.10
CA ASP A 392 -2.34 -8.34 -16.14
C ASP A 392 -2.79 -8.14 -14.68
N PHE A 393 -4.05 -7.70 -14.44
CA PHE A 393 -4.51 -7.50 -13.08
C PHE A 393 -4.43 -8.80 -12.27
N GLN A 394 -4.82 -9.94 -12.85
CA GLN A 394 -4.76 -11.23 -12.16
C GLN A 394 -3.32 -11.55 -11.67
N GLY A 395 -2.33 -11.29 -12.54
CA GLY A 395 -0.93 -11.55 -12.22
C GLY A 395 -0.44 -10.60 -11.15
N LEU A 396 -0.81 -9.31 -11.26
CA LEU A 396 -0.42 -8.32 -10.26
C LEU A 396 -1.02 -8.68 -8.91
N ARG A 397 -2.29 -9.06 -8.90
CA ARG A 397 -2.97 -9.42 -7.65
C ARG A 397 -2.34 -10.67 -7.06
N ALA A 398 -1.95 -11.65 -7.90
CA ALA A 398 -1.24 -12.83 -7.39
C ALA A 398 0.11 -12.48 -6.76
N GLU A 399 0.89 -11.57 -7.37
CA GLU A 399 2.18 -11.11 -6.88
C GLU A 399 2.01 -10.42 -5.52
N VAL A 400 1.01 -9.53 -5.41
CA VAL A 400 0.75 -8.82 -4.18
C VAL A 400 0.34 -9.79 -3.08
N GLU A 401 -0.58 -10.72 -3.43
CA GLU A 401 -1.14 -11.66 -2.45
C GLU A 401 -0.12 -12.64 -1.91
N THR A 402 1.01 -12.88 -2.63
CA THR A 402 2.06 -13.74 -2.05
C THR A 402 2.64 -13.12 -0.74
N ILE A 403 2.48 -11.79 -0.59
CA ILE A 403 2.89 -11.11 0.61
C ILE A 403 1.63 -10.83 1.48
N SER A 404 0.63 -10.11 0.91
CA SER A 404 -0.51 -9.60 1.68
C SER A 404 -1.42 -10.65 2.30
N LYS A 405 -1.43 -11.87 1.77
CA LYS A 405 -2.25 -12.98 2.30
C LYS A 405 -1.42 -14.01 3.08
N GLU A 406 -0.08 -13.79 3.22
CA GLU A 406 0.77 -14.71 3.96
C GLU A 406 1.43 -13.98 5.16
N LEU A 407 0.82 -12.89 5.66
CA LEU A 407 1.42 -12.13 6.75
C LEU A 407 1.38 -12.89 8.06
N GLU A 408 2.29 -12.55 8.96
CA GLU A 408 2.26 -13.10 10.32
C GLU A 408 1.03 -12.56 11.03
N LEU A 409 0.50 -13.34 11.99
CA LEU A 409 -0.62 -12.89 12.80
C LEU A 409 -0.11 -11.99 13.93
N LEU A 410 -0.80 -10.86 14.14
CA LEU A 410 -0.43 -9.90 15.16
C LEU A 410 -1.54 -9.81 16.16
N ASP A 411 -1.18 -9.71 17.46
CA ASP A 411 -2.18 -9.43 18.49
C ASP A 411 -2.74 -8.03 18.23
N ARG A 412 -4.02 -7.79 18.55
CA ARG A 412 -4.68 -6.50 18.32
C ARG A 412 -3.88 -5.29 18.81
N GLU A 413 -3.25 -5.39 19.99
CA GLU A 413 -2.49 -4.28 20.53
C GLU A 413 -1.25 -4.00 19.67
N LEU A 414 -0.54 -5.06 19.28
CA LEU A 414 0.66 -4.90 18.45
C LEU A 414 0.27 -4.34 17.09
N CYS A 415 -0.81 -4.86 16.51
CA CYS A 415 -1.33 -4.42 15.21
C CYS A 415 -1.68 -2.94 15.25
N GLN A 416 -2.41 -2.49 16.31
CA GLN A 416 -2.77 -1.09 16.42
C GLN A 416 -1.54 -0.19 16.52
N LEU A 417 -0.52 -0.57 17.31
CA LEU A 417 0.69 0.25 17.42
C LEU A 417 1.39 0.34 16.04
N LEU A 418 1.41 -0.77 15.29
CA LEU A 418 2.07 -0.79 13.98
C LEU A 418 1.34 0.18 13.04
N LEU A 419 -0.01 0.11 13.02
CA LEU A 419 -0.78 1.01 12.16
C LEU A 419 -0.63 2.47 12.55
N GLU A 420 -0.58 2.79 13.88
CA GLU A 420 -0.38 4.19 14.29
C GLU A 420 0.98 4.70 13.80
N GLY A 421 1.99 3.84 13.93
CA GLY A 421 3.33 4.13 13.46
C GLY A 421 3.35 4.37 11.97
N LEU A 422 2.74 3.45 11.19
CA LEU A 422 2.75 3.60 9.71
C LEU A 422 2.02 4.88 9.29
N GLU A 423 0.93 5.22 9.99
CA GLU A 423 0.18 6.44 9.68
C GLU A 423 1.10 7.68 9.84
N GLY A 424 1.83 7.73 10.95
CA GLY A 424 2.76 8.83 11.18
C GLY A 424 3.91 8.86 10.19
N VAL A 425 4.41 7.68 9.79
CA VAL A 425 5.50 7.60 8.81
C VAL A 425 5.04 8.13 7.44
N LEU A 426 3.81 7.77 7.03
CA LEU A 426 3.27 8.23 5.74
C LEU A 426 3.15 9.76 5.71
N ARG A 427 3.00 10.43 6.87
CA ARG A 427 2.89 11.91 6.91
C ARG A 427 4.25 12.62 6.91
N ASP A 428 5.36 11.88 6.86
CA ASP A 428 6.68 12.51 6.96
C ASP A 428 7.67 11.83 6.02
N GLN A 429 8.06 12.52 4.94
CA GLN A 429 8.97 11.99 3.94
C GLN A 429 10.28 11.51 4.55
N LEU A 430 10.76 12.20 5.60
CA LEU A 430 12.00 11.77 6.24
C LEU A 430 11.81 10.49 7.04
N ALA A 431 10.64 10.31 7.65
CA ALA A 431 10.35 9.08 8.40
C ALA A 431 10.28 7.88 7.42
N LEU A 432 9.69 8.06 6.22
CA LEU A 432 9.66 6.99 5.21
C LEU A 432 11.11 6.58 4.83
N ARG A 433 11.97 7.59 4.62
CA ARG A 433 13.35 7.32 4.24
C ARG A 433 14.09 6.64 5.40
N ALA A 434 13.94 7.15 6.62
CA ALA A 434 14.63 6.59 7.78
C ALA A 434 14.21 5.16 8.05
N LEU A 435 12.92 4.88 7.88
CA LEU A 435 12.43 3.54 8.11
C LEU A 435 12.95 2.59 7.03
N GLU A 436 12.96 3.04 5.77
CA GLU A 436 13.45 2.20 4.68
C GLU A 436 14.93 1.86 4.86
N GLU A 437 15.70 2.84 5.34
CA GLU A 437 17.12 2.63 5.57
C GLU A 437 17.35 1.70 6.74
N ALA A 438 16.55 1.79 7.79
CA ALA A 438 16.67 0.92 8.97
C ALA A 438 16.37 -0.53 8.61
N LEU A 439 15.40 -0.77 7.70
CA LEU A 439 15.04 -2.14 7.37
C LEU A 439 16.02 -2.81 6.42
N GLU A 440 16.75 -2.02 5.63
CA GLU A 440 17.83 -2.52 4.75
C GLU A 440 17.36 -3.68 3.86
N GLN A 441 16.11 -3.64 3.37
CA GLN A 441 15.57 -4.71 2.52
C GLN A 441 15.71 -6.10 3.16
N GLY A 442 15.55 -6.18 4.48
CA GLY A 442 15.69 -7.44 5.20
C GLY A 442 17.10 -8.00 5.34
N GLN A 443 18.14 -7.22 5.00
CA GLN A 443 19.52 -7.70 5.10
C GLN A 443 20.29 -7.21 6.33
N SER A 444 19.62 -6.50 7.26
CA SER A 444 20.30 -5.96 8.43
C SER A 444 20.79 -7.01 9.39
N LEU A 445 22.04 -6.89 9.77
CA LEU A 445 22.66 -7.75 10.75
C LEU A 445 22.87 -6.85 11.98
N GLY A 446 22.47 -7.35 13.13
CA GLY A 446 22.62 -6.60 14.36
C GLY A 446 21.43 -5.78 14.77
N PRO A 447 21.44 -5.34 16.02
CA PRO A 447 20.33 -4.54 16.53
C PRO A 447 20.16 -3.21 15.78
N VAL A 448 18.90 -2.81 15.61
CA VAL A 448 18.59 -1.54 14.95
C VAL A 448 19.00 -0.35 15.82
N GLU A 449 19.26 0.78 15.19
CA GLU A 449 19.55 2.01 15.92
C GLU A 449 18.18 2.62 16.27
N PRO A 450 17.98 3.08 17.52
CA PRO A 450 16.67 3.66 17.88
C PRO A 450 16.40 4.92 17.06
N LEU A 451 15.19 5.06 16.56
CA LEU A 451 14.82 6.23 15.75
C LEU A 451 13.80 7.08 16.47
N ASP A 452 13.79 8.38 16.17
CA ASP A 452 12.81 9.28 16.76
C ASP A 452 11.51 9.21 15.98
N GLY A 453 10.42 9.51 16.66
CA GLY A 453 9.10 9.64 16.06
C GLY A 453 8.49 8.37 15.52
N PRO A 454 7.53 8.55 14.60
CA PRO A 454 6.81 7.41 14.03
C PRO A 454 7.68 6.31 13.43
N ALA A 455 8.83 6.64 12.79
CA ALA A 455 9.69 5.58 12.23
C ALA A 455 10.18 4.64 13.35
N GLY A 456 10.53 5.23 14.51
CA GLY A 456 10.90 4.43 15.66
C GLY A 456 9.76 3.58 16.21
N ALA A 457 8.52 4.13 16.22
CA ALA A 457 7.34 3.43 16.68
C ALA A 457 7.07 2.19 15.82
N VAL A 458 7.27 2.30 14.50
CA VAL A 458 7.13 1.14 13.61
C VAL A 458 8.25 0.13 13.91
N LEU A 459 9.50 0.58 14.05
CA LEU A 459 10.63 -0.33 14.31
C LEU A 459 10.40 -1.15 15.57
N GLU A 460 9.82 -0.52 16.61
CA GLU A 460 9.50 -1.23 17.86
C GLU A 460 8.52 -2.39 17.65
N CYS A 461 7.70 -2.36 16.57
CA CYS A 461 6.77 -3.45 16.29
C CYS A 461 7.39 -4.56 15.44
N LEU A 462 8.59 -4.38 14.92
CA LEU A 462 9.23 -5.33 14.04
C LEU A 462 10.49 -5.99 14.62
N VAL A 463 10.90 -5.57 15.81
CA VAL A 463 12.11 -6.12 16.43
C VAL A 463 11.81 -6.93 17.67
N LEU A 464 12.71 -7.86 17.97
CA LEU A 464 12.66 -8.57 19.24
C LEU A 464 13.14 -7.59 20.35
N SER A 465 13.04 -8.01 21.65
CA SER A 465 13.51 -7.19 22.77
C SER A 465 15.01 -6.84 22.62
N SER A 466 15.77 -7.65 21.90
CA SER A 466 17.18 -7.40 21.63
C SER A 466 17.44 -6.29 20.60
N GLY A 467 16.39 -5.83 19.90
CA GLY A 467 16.57 -4.87 18.83
C GLY A 467 16.81 -5.51 17.47
N MET A 468 16.79 -6.84 17.38
CA MET A 468 16.99 -7.52 16.12
C MET A 468 15.71 -7.53 15.34
N LEU A 469 15.80 -7.21 14.05
CA LEU A 469 14.59 -7.26 13.20
C LEU A 469 14.12 -8.69 12.92
N VAL A 470 12.81 -8.91 12.95
CA VAL A 470 12.23 -10.20 12.63
C VAL A 470 11.91 -10.15 11.14
N PRO A 471 12.58 -10.98 10.31
CA PRO A 471 12.35 -10.88 8.85
C PRO A 471 10.90 -11.07 8.43
N GLU A 472 10.18 -12.02 9.05
CA GLU A 472 8.78 -12.25 8.65
C GLU A 472 7.88 -11.07 8.96
N LEU A 473 8.28 -10.19 9.90
CA LEU A 473 7.48 -9.01 10.20
C LEU A 473 7.95 -7.82 9.32
N ALA A 474 9.27 -7.69 9.15
CA ALA A 474 9.87 -6.58 8.42
C ALA A 474 9.72 -6.66 6.91
N ILE A 475 9.86 -7.85 6.32
CA ILE A 475 9.85 -7.99 4.85
C ILE A 475 8.54 -7.43 4.22
N PRO A 476 7.34 -7.66 4.76
CA PRO A 476 6.15 -7.04 4.17
C PRO A 476 6.17 -5.50 4.23
N VAL A 477 6.80 -4.94 5.28
CA VAL A 477 6.93 -3.49 5.40
C VAL A 477 7.94 -3.00 4.33
N VAL A 478 9.01 -3.76 4.04
CA VAL A 478 9.99 -3.42 2.98
C VAL A 478 9.24 -3.36 1.64
N TYR A 479 8.40 -4.38 1.37
CA TYR A 479 7.60 -4.35 0.10
C TYR A 479 6.72 -3.11 0.04
N LEU A 480 6.04 -2.79 1.17
CA LEU A 480 5.19 -1.61 1.22
C LEU A 480 6.02 -0.35 0.92
N LEU A 481 7.17 -0.19 1.59
CA LEU A 481 8.00 0.99 1.36
C LEU A 481 8.49 1.04 -0.09
N GLY A 482 8.76 -0.11 -0.68
CA GLY A 482 9.17 -0.19 -2.09
C GLY A 482 8.08 0.33 -3.00
N ALA A 483 6.82 -0.10 -2.75
CA ALA A 483 5.72 0.36 -3.56
C ALA A 483 5.49 1.87 -3.36
N LEU A 484 5.62 2.34 -2.09
CA LEU A 484 5.37 3.75 -1.79
C LEU A 484 6.35 4.68 -2.49
N THR A 485 7.55 4.18 -2.86
CA THR A 485 8.51 5.04 -3.58
C THR A 485 7.95 5.56 -4.90
N MET A 486 6.96 4.85 -5.49
CA MET A 486 6.38 5.28 -6.75
C MET A 486 5.33 6.37 -6.58
N LEU A 487 4.87 6.61 -5.34
CA LEU A 487 3.79 7.53 -5.11
C LEU A 487 4.26 8.92 -4.66
N SER A 488 3.43 9.93 -4.89
CA SER A 488 3.78 11.29 -4.49
C SER A 488 3.59 11.51 -3.00
N GLU A 489 4.15 12.64 -2.49
CA GLU A 489 3.92 13.04 -1.12
C GLU A 489 2.41 13.24 -0.86
N THR A 490 1.69 13.80 -1.84
CA THR A 490 0.24 14.00 -1.73
C THR A 490 -0.48 12.65 -1.52
N GLN A 491 -0.07 11.66 -2.30
CA GLN A 491 -0.63 10.32 -2.13
C GLN A 491 -0.26 9.68 -0.80
N HIS A 492 0.98 9.90 -0.27
CA HIS A 492 1.34 9.35 1.04
C HIS A 492 0.43 9.92 2.12
N LYS A 493 0.16 11.23 2.08
CA LYS A 493 -0.70 11.87 3.07
C LYS A 493 -2.13 11.34 2.97
N LEU A 494 -2.61 11.07 1.73
CA LEU A 494 -3.94 10.49 1.58
C LEU A 494 -3.97 9.06 2.12
N LEU A 495 -2.89 8.29 1.93
CA LEU A 495 -2.86 6.93 2.48
C LEU A 495 -2.84 6.98 4.02
N ALA A 496 -2.14 7.98 4.62
CA ALA A 496 -2.16 8.15 6.08
C ALA A 496 -3.61 8.46 6.52
N GLU A 497 -4.34 9.29 5.75
CA GLU A 497 -5.75 9.61 6.11
C GLU A 497 -6.64 8.38 6.00
N ALA A 498 -6.43 7.56 4.94
CA ALA A 498 -7.18 6.32 4.75
C ALA A 498 -6.90 5.36 5.93
N LEU A 499 -5.63 5.29 6.38
CA LEU A 499 -5.26 4.46 7.50
C LEU A 499 -5.91 4.95 8.79
N GLU A 500 -5.81 6.24 9.07
CA GLU A 500 -6.33 6.90 10.26
C GLU A 500 -7.85 6.69 10.36
N SER A 501 -8.54 6.77 9.24
CA SER A 501 -9.98 6.63 9.21
C SER A 501 -10.47 5.20 8.97
N GLN A 502 -9.55 4.19 8.94
CA GLN A 502 -9.87 2.78 8.71
C GLN A 502 -10.64 2.59 7.40
N THR A 503 -10.31 3.38 6.37
CA THR A 503 -10.95 3.33 5.08
C THR A 503 -9.93 2.91 4.04
N LEU A 504 -9.50 1.66 4.10
CA LEU A 504 -8.57 1.16 3.09
C LEU A 504 -9.28 0.36 2.03
N LEU A 505 -10.35 -0.37 2.41
CA LEU A 505 -11.01 -1.28 1.48
C LEU A 505 -11.72 -0.59 0.33
N GLY A 506 -12.36 0.55 0.59
CA GLY A 506 -13.00 1.37 -0.44
C GLY A 506 -12.03 1.76 -1.55
N PRO A 507 -10.94 2.44 -1.19
CA PRO A 507 -9.94 2.83 -2.18
C PRO A 507 -9.30 1.59 -2.84
N LEU A 508 -9.06 0.52 -2.08
CA LEU A 508 -8.46 -0.69 -2.66
C LEU A 508 -9.34 -1.26 -3.76
N GLU A 509 -10.63 -1.32 -3.49
CA GLU A 509 -11.58 -1.84 -4.44
C GLU A 509 -11.67 -0.94 -5.67
N LEU A 510 -11.65 0.38 -5.49
CA LEU A 510 -11.73 1.30 -6.62
C LEU A 510 -10.52 1.15 -7.53
N VAL A 511 -9.32 1.17 -6.93
CA VAL A 511 -8.09 1.03 -7.71
C VAL A 511 -8.02 -0.34 -8.40
N GLY A 512 -8.31 -1.40 -7.68
CA GLY A 512 -8.30 -2.75 -8.25
C GLY A 512 -9.28 -2.88 -9.42
N SER A 513 -10.52 -2.34 -9.24
CA SER A 513 -11.52 -2.41 -10.30
C SER A 513 -11.07 -1.65 -11.54
N LEU A 514 -10.46 -0.46 -11.36
CA LEU A 514 -9.95 0.30 -12.50
C LEU A 514 -8.81 -0.47 -13.22
N LEU A 515 -7.92 -1.13 -12.44
CA LEU A 515 -6.84 -1.89 -13.06
C LEU A 515 -7.40 -3.11 -13.82
N GLU A 516 -8.44 -3.75 -13.25
CA GLU A 516 -9.02 -4.91 -13.90
C GLU A 516 -9.74 -4.50 -15.18
N GLN A 517 -10.48 -3.40 -15.14
CA GLN A 517 -11.30 -2.98 -16.28
C GLN A 517 -10.59 -2.22 -17.39
N SER A 518 -9.34 -1.83 -17.15
CA SER A 518 -8.58 -1.05 -18.12
C SER A 518 -7.69 -1.89 -19.03
N ALA A 519 -7.80 -3.23 -18.95
CA ALA A 519 -7.05 -4.14 -19.85
C ALA A 519 -7.39 -3.85 -21.30
N PRO A 520 -6.37 -3.74 -22.17
CA PRO A 520 -4.93 -3.82 -21.90
C PRO A 520 -4.33 -2.48 -21.43
N TRP A 521 -3.46 -2.48 -20.38
CA TRP A 521 -2.90 -1.22 -19.83
C TRP A 521 -2.13 -0.38 -20.81
N GLN A 522 -1.63 -0.99 -21.89
CA GLN A 522 -0.87 -0.25 -22.92
C GLN A 522 -1.75 0.70 -23.74
N GLU A 523 -3.08 0.55 -23.69
CA GLU A 523 -3.97 1.34 -24.52
C GLU A 523 -4.82 2.28 -23.71
N ARG A 524 -4.92 3.52 -24.16
CA ARG A 524 -5.73 4.55 -23.53
C ARG A 524 -7.19 4.15 -23.74
N SER A 525 -8.04 4.26 -22.69
CA SER A 525 -9.45 3.91 -22.87
C SER A 525 -10.33 4.63 -21.88
N THR A 526 -11.55 4.94 -22.27
CA THR A 526 -12.50 5.59 -21.37
C THR A 526 -13.25 4.47 -20.66
N MET A 527 -13.56 4.68 -19.37
CA MET A 527 -14.18 3.63 -18.58
C MET A 527 -15.58 4.04 -18.14
N SER A 528 -16.47 3.07 -17.90
CA SER A 528 -17.84 3.41 -17.46
C SER A 528 -17.98 3.41 -15.94
N LEU A 529 -17.02 2.82 -15.21
CA LEU A 529 -17.10 2.74 -13.75
C LEU A 529 -17.31 4.10 -13.09
N PRO A 530 -18.43 4.32 -12.38
CA PRO A 530 -18.64 5.65 -11.75
C PRO A 530 -18.28 5.52 -10.25
N PRO A 531 -17.15 6.11 -9.80
CA PRO A 531 -16.71 5.89 -8.42
C PRO A 531 -17.72 6.25 -7.34
N GLY A 532 -18.56 7.24 -7.61
CA GLY A 532 -19.60 7.66 -6.68
C GLY A 532 -20.60 6.55 -6.41
N LEU A 533 -20.85 5.69 -7.39
CA LEU A 533 -21.79 4.57 -7.20
C LEU A 533 -21.22 3.40 -6.44
N LEU A 534 -19.93 3.44 -6.10
CA LEU A 534 -19.28 2.43 -5.28
C LEU A 534 -19.19 2.92 -3.81
N GLY A 535 -19.77 4.10 -3.50
CA GLY A 535 -19.70 4.61 -2.13
C GLY A 535 -18.53 5.54 -1.89
N ASN A 536 -17.74 5.87 -2.93
CA ASN A 536 -16.63 6.80 -2.75
C ASN A 536 -17.12 8.22 -2.94
N SER A 537 -16.56 9.20 -2.21
CA SER A 537 -16.85 10.60 -2.50
C SER A 537 -16.15 10.93 -3.83
N TRP A 538 -16.86 11.58 -4.73
CA TRP A 538 -16.32 11.88 -6.04
C TRP A 538 -16.66 13.27 -6.48
N GLY A 539 -15.65 13.95 -6.95
CA GLY A 539 -15.70 15.32 -7.43
C GLY A 539 -14.31 15.88 -7.30
N GLU A 540 -14.04 17.00 -7.97
CA GLU A 540 -12.71 17.61 -7.94
C GLU A 540 -12.27 17.91 -6.50
N GLY A 541 -11.10 17.41 -6.14
CA GLY A 541 -10.58 17.63 -4.80
C GLY A 541 -10.96 16.57 -3.79
N ALA A 542 -11.87 15.63 -4.13
CA ALA A 542 -12.21 14.56 -3.16
C ALA A 542 -10.97 13.66 -2.99
N PRO A 543 -10.81 12.99 -1.84
CA PRO A 543 -9.64 12.12 -1.65
C PRO A 543 -9.42 11.06 -2.73
N ALA A 544 -10.48 10.34 -3.15
CA ALA A 544 -10.31 9.33 -4.23
C ALA A 544 -9.89 10.01 -5.54
N TRP A 545 -10.44 11.22 -5.80
CA TRP A 545 -10.13 11.96 -7.01
C TRP A 545 -8.64 12.33 -6.98
N VAL A 546 -8.16 12.93 -5.88
CA VAL A 546 -6.74 13.30 -5.82
C VAL A 546 -5.83 12.08 -5.93
N LEU A 547 -6.18 10.99 -5.24
CA LEU A 547 -5.35 9.79 -5.23
C LEU A 547 -5.18 9.25 -6.68
N LEU A 548 -6.25 9.28 -7.47
CA LEU A 548 -6.19 8.78 -8.84
C LEU A 548 -5.57 9.79 -9.78
N ASP A 549 -5.88 11.06 -9.60
CA ASP A 549 -5.32 12.13 -10.44
C ASP A 549 -3.78 12.13 -10.32
N GLU A 550 -3.29 11.88 -9.11
CA GLU A 550 -1.84 11.83 -8.88
C GLU A 550 -1.17 10.64 -9.60
N CYS A 551 -1.94 9.61 -10.02
CA CYS A 551 -1.39 8.50 -10.80
C CYS A 551 -1.25 8.86 -12.28
N GLY A 552 -1.83 9.95 -12.75
CA GLY A 552 -1.81 10.29 -14.16
C GLY A 552 -3.09 9.93 -14.91
N LEU A 553 -4.16 9.57 -14.17
CA LEU A 553 -5.44 9.29 -14.83
C LEU A 553 -6.14 10.61 -15.18
N GLU A 554 -7.04 10.56 -16.17
CA GLU A 554 -7.77 11.76 -16.56
C GLU A 554 -9.18 11.59 -15.98
N LEU A 555 -9.56 12.52 -15.13
CA LEU A 555 -10.82 12.38 -14.38
C LEU A 555 -11.88 13.36 -14.80
N GLY A 556 -13.11 12.99 -14.54
CA GLY A 556 -14.25 13.85 -14.85
C GLY A 556 -15.36 13.72 -13.81
N GLU A 557 -16.08 14.83 -13.60
CA GLU A 557 -17.24 14.80 -12.71
C GLU A 557 -18.45 14.10 -13.36
N ASP A 558 -18.49 14.07 -14.68
CA ASP A 558 -19.54 13.36 -15.41
C ASP A 558 -18.89 12.20 -16.18
N THR A 559 -19.69 11.27 -16.67
CA THR A 559 -19.18 10.13 -17.43
C THR A 559 -18.49 10.58 -18.71
N PRO A 560 -17.31 10.04 -19.06
CA PRO A 560 -16.55 9.00 -18.32
C PRO A 560 -15.84 9.65 -17.12
N HIS A 561 -16.07 9.11 -15.93
CA HIS A 561 -15.45 9.62 -14.72
C HIS A 561 -13.94 9.35 -14.73
N VAL A 562 -13.54 8.24 -15.33
CA VAL A 562 -12.14 7.86 -15.40
C VAL A 562 -11.75 7.45 -16.78
N CYS A 563 -10.62 7.98 -17.24
CA CYS A 563 -10.04 7.58 -18.49
CA CYS A 563 -10.04 7.58 -18.50
C CYS A 563 -8.69 6.98 -18.17
N TRP A 564 -8.45 5.75 -18.61
CA TRP A 564 -7.18 5.09 -18.32
C TRP A 564 -6.13 5.66 -19.26
N GLU A 565 -4.97 6.02 -18.70
CA GLU A 565 -3.83 6.49 -19.47
C GLU A 565 -2.71 5.46 -19.25
N PRO A 566 -2.05 4.96 -20.31
CA PRO A 566 -0.95 3.99 -20.10
C PRO A 566 0.17 4.50 -19.17
N GLN A 567 0.43 5.82 -19.16
CA GLN A 567 1.44 6.44 -18.30
C GLN A 567 1.15 6.16 -16.79
N ALA A 568 -0.12 5.86 -16.46
CA ALA A 568 -0.51 5.65 -15.06
C ALA A 568 -0.24 4.24 -14.54
N GLN A 569 0.17 3.29 -15.41
CA GLN A 569 0.29 1.90 -15.01
C GLN A 569 1.08 1.69 -13.72
N GLY A 570 2.33 2.16 -13.68
CA GLY A 570 3.20 1.89 -12.51
C GLY A 570 2.65 2.44 -11.22
N ARG A 571 2.17 3.70 -11.25
CA ARG A 571 1.63 4.32 -10.07
C ARG A 571 0.34 3.65 -9.60
N MET A 572 -0.52 3.24 -10.58
CA MET A 572 -1.78 2.57 -10.17
C MET A 572 -1.43 1.20 -9.55
N CYS A 573 -0.48 0.47 -10.16
CA CYS A 573 -0.11 -0.85 -9.61
C CYS A 573 0.50 -0.68 -8.21
N ALA A 574 1.39 0.32 -8.06
CA ALA A 574 2.04 0.56 -6.76
C ALA A 574 1.00 0.99 -5.72
N LEU A 575 0.01 1.79 -6.14
CA LEU A 575 -1.05 2.27 -5.23
C LEU A 575 -1.88 1.06 -4.79
N TYR A 576 -2.28 0.20 -5.77
CA TYR A 576 -3.02 -1.03 -5.45
C TYR A 576 -2.20 -1.89 -4.43
N ALA A 577 -0.89 -2.12 -4.68
CA ALA A 577 -0.08 -2.96 -3.79
C ALA A 577 0.00 -2.30 -2.41
N SER A 578 0.15 -0.97 -2.34
CA SER A 578 0.28 -0.27 -1.04
C SER A 578 -1.05 -0.42 -0.24
N LEU A 579 -2.19 -0.22 -0.90
CA LEU A 579 -3.49 -0.38 -0.22
C LEU A 579 -3.70 -1.82 0.22
N ALA A 580 -3.32 -2.78 -0.63
CA ALA A 580 -3.48 -4.21 -0.30
C ALA A 580 -2.60 -4.59 0.89
N LEU A 581 -1.36 -4.09 0.91
CA LEU A 581 -0.47 -4.39 2.04
C LEU A 581 -0.97 -3.74 3.32
N LEU A 582 -1.41 -2.48 3.25
CA LEU A 582 -1.94 -1.79 4.44
C LEU A 582 -3.21 -2.50 4.94
N SER A 583 -4.07 -2.98 4.01
CA SER A 583 -5.28 -3.71 4.41
C SER A 583 -4.90 -5.04 5.09
N GLY A 584 -3.90 -5.73 4.53
CA GLY A 584 -3.42 -7.01 5.06
C GLY A 584 -2.84 -6.83 6.45
N LEU A 585 -1.99 -5.79 6.62
CA LEU A 585 -1.35 -5.48 7.90
C LEU A 585 -2.40 -5.09 8.96
N SER A 586 -3.51 -4.50 8.53
CA SER A 586 -4.62 -4.14 9.43
C SER A 586 -5.42 -5.39 9.87
N GLN A 587 -5.22 -6.57 9.24
CA GLN A 587 -5.88 -7.86 9.53
C GLN A 587 -7.41 -7.79 9.38
N GLY B 1 -12.11 -29.51 16.28
CA GLY B 1 -10.67 -29.52 16.09
C GLY B 1 -10.03 -28.15 16.30
N CYS B 2 -8.79 -28.16 16.73
CA CYS B 2 -8.05 -26.91 16.93
C CYS B 2 -6.70 -26.94 16.20
N ILE B 3 -6.10 -25.77 15.96
CA ILE B 3 -4.82 -25.67 15.27
C ILE B 3 -3.96 -24.60 15.93
N LYS B 4 -2.66 -24.86 16.09
CA LYS B 4 -1.72 -23.93 16.70
C LYS B 4 -1.15 -22.97 15.64
N LYS B 5 -1.21 -21.67 15.93
CA LYS B 5 -0.66 -20.63 15.05
C LYS B 5 0.25 -19.69 15.85
N ALA B 6 1.25 -19.13 15.20
CA ALA B 6 2.16 -18.19 15.84
C ALA B 6 1.48 -16.81 15.80
N VAL B 7 1.47 -16.11 16.94
CA VAL B 7 0.91 -14.76 17.07
C VAL B 7 1.94 -13.87 17.76
N PHE B 9 3.08 -10.64 19.85
CA PHE B 9 2.55 -9.75 20.87
C PHE B 9 3.57 -8.67 21.19
N LYS B 10 3.10 -7.51 21.66
CA LYS B 10 3.99 -6.44 22.10
C LYS B 10 4.65 -6.90 23.39
N CYS B 11 5.96 -6.67 23.55
CA CYS B 11 6.67 -7.06 24.77
C CYS B 11 6.15 -6.35 26.01
#